data_6HZA
#
_entry.id   6HZA
#
_cell.length_a   131.371
_cell.length_b   131.371
_cell.length_c   155.195
_cell.angle_alpha   90.00
_cell.angle_beta   90.00
_cell.angle_gamma   120.00
#
_symmetry.space_group_name_H-M   'P 65 2 2'
#
loop_
_entity.id
_entity.type
_entity.pdbx_description
1 polymer Furin
2 polymer ARG-ARG-LYS-ARG-00S
3 non-polymer 'CALCIUM ION'
4 non-polymer 'SODIUM ION'
5 non-polymer 'CHLORIDE ION'
6 non-polymer 'PHOSPHATE ION'
7 non-polymer 'DIMETHYL SULFOXIDE'
8 non-polymer PENTANEDIAL
9 water water
#
loop_
_entity_poly.entity_id
_entity_poly.type
_entity_poly.pdbx_seq_one_letter_code
_entity_poly.pdbx_strand_id
1 'polypeptide(L)'
;DVYQEPTDPKFPQQWYLSGVTQRDLNVKAAWAQGYTGHGIVVSILDDGIEKNHPDLAGNYDPGASFDVNDQDPDPQPRYT
QMNDNRHGTRCAGEVAAVANNGVCGVGVAYNARIGGVRMLDGEVTDAVEARSLGLNPNHIHIYSASWGPEDDGKTVDGPA
RLAEEAFFRGVSQGRGGLGSIFVWASGNGGREHDSCNCDGYTNSIYTLSISSATQFGNVPWYSEACSSTLATTYSSGNQN
EKQIVTTDLRQKCTESHTGTSASAPLAAGIIALTLEANKNLTWRDMQHLVVQTSKPAHLNANDWATNGVGRKVSHSYGYG
LLDAGAMVALAQNWTTVAPQRKCIIDILTEPKDIGKRLEVRKTVTACLGEPNHITRLEHAQARLTLSYNRRGDLAIHLVS
PMGTRSTLLAARPHDYSADGFNDWAFMTTHSWDEDPSGEWVLEIENTSEANNYGTLTKFTLVLYGTASGSLVPRGSHHHH
HH
;
A
2 'polypeptide(L)' RRKR(00S) B
#
# COMPACT_ATOMS: atom_id res chain seq x y z
N VAL A 2 -14.46 24.82 19.77
CA VAL A 2 -14.90 23.44 19.94
C VAL A 2 -15.30 22.85 18.58
N TYR A 3 -14.63 21.77 18.19
CA TYR A 3 -14.90 21.16 16.89
C TYR A 3 -16.28 20.52 16.88
N GLN A 4 -17.03 20.76 15.82
CA GLN A 4 -18.35 20.15 15.61
C GLN A 4 -18.23 19.11 14.52
N GLU A 5 -18.59 17.87 14.85
CA GLU A 5 -18.47 16.77 13.90
C GLU A 5 -19.53 16.89 12.81
N PRO A 6 -19.35 16.20 11.68
CA PRO A 6 -20.27 16.36 10.55
C PRO A 6 -21.70 15.97 10.91
N THR A 7 -22.63 16.64 10.24
CA THR A 7 -24.05 16.38 10.42
C THR A 7 -24.64 15.54 9.30
N ASP A 8 -23.81 15.05 8.38
CA ASP A 8 -24.32 14.34 7.22
C ASP A 8 -25.17 13.14 7.65
N PRO A 9 -26.20 12.81 6.89
CA PRO A 9 -27.16 11.79 7.35
C PRO A 9 -26.55 10.42 7.59
N LYS A 10 -25.53 10.03 6.81
CA LYS A 10 -24.91 8.72 6.98
C LYS A 10 -23.63 8.76 7.80
N PHE A 11 -23.21 9.94 8.26
CA PHE A 11 -22.01 9.99 9.11
C PHE A 11 -22.09 9.09 10.33
N PRO A 12 -23.23 8.98 11.04
CA PRO A 12 -23.29 8.03 12.17
C PRO A 12 -23.01 6.58 11.80
N GLN A 13 -23.15 6.21 10.53
CA GLN A 13 -22.84 4.85 10.09
C GLN A 13 -21.38 4.67 9.70
N GLN A 14 -20.56 5.72 9.73
CA GLN A 14 -19.15 5.61 9.38
C GLN A 14 -18.36 5.25 10.63
N TRP A 15 -18.61 4.02 11.08
CA TRP A 15 -18.06 3.49 12.32
C TRP A 15 -16.53 3.52 12.34
N TYR A 16 -15.91 3.49 11.16
CA TYR A 16 -14.45 3.43 11.06
C TYR A 16 -13.79 4.79 11.21
N LEU A 17 -14.55 5.87 11.17
CA LEU A 17 -13.95 7.20 11.28
C LEU A 17 -13.79 7.63 12.73
N SER A 18 -14.78 7.33 13.57
CA SER A 18 -14.73 7.76 14.96
C SER A 18 -15.71 6.90 15.76
N GLY A 19 -15.58 6.99 17.08
CA GLY A 19 -16.50 6.33 17.99
C GLY A 19 -15.94 6.24 19.40
N VAL A 20 -16.84 6.05 20.37
CA VAL A 20 -16.42 5.80 21.74
C VAL A 20 -15.67 4.48 21.87
N THR A 21 -15.85 3.57 20.90
CA THR A 21 -15.44 2.18 21.08
C THR A 21 -13.94 1.94 20.93
N GLN A 22 -13.24 2.78 20.16
CA GLN A 22 -11.81 2.73 19.85
C GLN A 22 -11.51 1.82 18.63
N ARG A 23 -12.51 1.10 18.11
CA ARG A 23 -12.35 0.39 16.83
C ARG A 23 -12.58 1.38 15.68
N ASP A 24 -11.64 2.31 15.53
CA ASP A 24 -11.71 3.27 14.45
C ASP A 24 -10.32 3.76 14.06
N LEU A 25 -10.27 4.58 13.02
CA LEU A 25 -9.04 5.13 12.46
C LEU A 25 -8.66 6.45 13.10
N ASN A 26 -9.39 6.87 14.13
CA ASN A 26 -9.03 8.05 14.92
C ASN A 26 -8.97 9.30 14.05
N VAL A 27 -9.92 9.42 13.13
CA VAL A 27 -9.93 10.51 12.17
C VAL A 27 -10.52 11.78 12.77
N LYS A 28 -11.52 11.65 13.65
CA LYS A 28 -12.10 12.83 14.27
C LYS A 28 -11.06 13.60 15.09
N ALA A 29 -10.11 12.88 15.69
CA ALA A 29 -9.04 13.55 16.43
C ALA A 29 -8.21 14.45 15.51
N ALA A 30 -7.98 14.02 14.26
CA ALA A 30 -7.25 14.88 13.33
C ALA A 30 -8.09 16.09 12.92
N TRP A 31 -9.37 15.87 12.64
CA TRP A 31 -10.28 16.97 12.32
C TRP A 31 -10.28 18.02 13.43
N ALA A 32 -10.31 17.57 14.68
CA ALA A 32 -10.33 18.50 15.82
C ALA A 32 -9.03 19.26 15.97
N GLN A 33 -7.91 18.70 15.49
CA GLN A 33 -6.66 19.47 15.46
C GLN A 33 -6.66 20.50 14.34
N GLY A 34 -7.67 20.51 13.48
CA GLY A 34 -7.80 21.49 12.41
C GLY A 34 -7.47 20.97 11.02
N TYR A 35 -7.30 19.67 10.83
CA TYR A 35 -6.86 19.10 9.56
C TYR A 35 -8.03 18.36 8.92
N THR A 36 -8.51 18.89 7.81
CA THR A 36 -9.60 18.30 7.05
C THR A 36 -9.22 18.09 5.59
N GLY A 37 -8.00 18.44 5.21
CA GLY A 37 -7.52 18.21 3.86
C GLY A 37 -7.42 19.44 2.98
N HIS A 38 -7.72 20.63 3.52
N HIS A 38 -7.74 20.63 3.52
CA HIS A 38 -7.68 21.84 2.70
CA HIS A 38 -7.66 21.86 2.74
C HIS A 38 -6.33 21.97 2.02
C HIS A 38 -6.32 21.97 2.02
N GLY A 39 -6.37 22.19 0.70
CA GLY A 39 -5.19 22.44 -0.08
C GLY A 39 -4.47 21.20 -0.60
N ILE A 40 -4.91 20.00 -0.22
CA ILE A 40 -4.30 18.76 -0.69
C ILE A 40 -5.12 18.22 -1.85
N VAL A 41 -4.44 17.60 -2.81
CA VAL A 41 -5.06 17.11 -4.03
C VAL A 41 -4.83 15.60 -4.11
N VAL A 42 -5.92 14.84 -4.23
CA VAL A 42 -5.86 13.38 -4.35
C VAL A 42 -6.51 12.98 -5.66
N SER A 43 -5.91 12.02 -6.37
CA SER A 43 -6.49 11.50 -7.60
C SER A 43 -6.74 10.00 -7.47
N ILE A 44 -7.93 9.58 -7.86
CA ILE A 44 -8.33 8.17 -7.88
C ILE A 44 -8.05 7.61 -9.27
N LEU A 45 -7.09 6.69 -9.36
CA LEU A 45 -6.76 6.02 -10.62
C LEU A 45 -7.67 4.80 -10.72
N ASP A 46 -8.72 4.89 -11.54
CA ASP A 46 -9.72 3.84 -11.51
C ASP A 46 -10.54 3.85 -12.79
N ASP A 47 -11.83 3.54 -12.71
CA ASP A 47 -12.70 3.45 -13.88
C ASP A 47 -13.48 4.73 -14.13
N GLY A 48 -13.10 5.83 -13.49
CA GLY A 48 -13.77 7.10 -13.65
C GLY A 48 -14.32 7.62 -12.33
N ILE A 49 -14.72 8.90 -12.36
CA ILE A 49 -15.28 9.56 -11.18
C ILE A 49 -16.51 10.36 -11.62
N GLU A 50 -17.60 10.21 -10.88
CA GLU A 50 -18.82 10.96 -11.19
C GLU A 50 -18.61 12.39 -10.68
N LYS A 51 -18.11 13.26 -11.56
CA LYS A 51 -17.63 14.56 -11.10
C LYS A 51 -18.76 15.47 -10.65
N ASN A 52 -19.99 15.16 -11.06
CA ASN A 52 -21.17 15.94 -10.69
C ASN A 52 -21.95 15.28 -9.56
N HIS A 53 -21.38 14.27 -8.91
CA HIS A 53 -22.06 13.65 -7.79
C HIS A 53 -22.32 14.70 -6.71
N PRO A 54 -23.52 14.74 -6.11
CA PRO A 54 -23.81 15.77 -5.11
C PRO A 54 -22.87 15.76 -3.91
N ASP A 55 -22.20 14.65 -3.61
CA ASP A 55 -21.24 14.64 -2.51
C ASP A 55 -19.79 14.73 -2.99
N LEU A 56 -19.55 14.87 -4.30
CA LEU A 56 -18.20 15.11 -4.80
C LEU A 56 -18.00 16.44 -5.50
N ALA A 57 -19.06 17.04 -6.05
CA ALA A 57 -18.91 18.20 -6.93
C ALA A 57 -18.19 19.35 -6.23
N GLY A 58 -18.48 19.57 -4.94
CA GLY A 58 -17.87 20.66 -4.21
C GLY A 58 -16.37 20.54 -4.05
N ASN A 59 -15.83 19.32 -4.11
CA ASN A 59 -14.39 19.09 -3.97
C ASN A 59 -13.73 18.71 -5.28
N TYR A 60 -14.48 18.57 -6.37
CA TYR A 60 -13.93 18.02 -7.60
C TYR A 60 -12.87 18.95 -8.20
N ASP A 61 -11.80 18.35 -8.70
CA ASP A 61 -10.67 19.11 -9.25
C ASP A 61 -10.36 18.57 -10.63
N PRO A 62 -10.69 19.32 -11.69
CA PRO A 62 -10.33 18.86 -13.05
C PRO A 62 -8.83 18.73 -13.26
N GLY A 63 -8.02 19.50 -12.52
CA GLY A 63 -6.57 19.37 -12.64
C GLY A 63 -6.03 18.05 -12.10
N ALA A 64 -6.82 17.35 -11.28
CA ALA A 64 -6.47 16.04 -10.77
C ALA A 64 -7.08 14.90 -11.58
N SER A 65 -7.57 15.21 -12.78
CA SER A 65 -8.40 14.27 -13.53
C SER A 65 -7.97 14.20 -14.97
N PHE A 66 -8.22 13.03 -15.56
CA PHE A 66 -8.03 12.83 -16.99
C PHE A 66 -8.71 11.52 -17.34
N ASP A 67 -8.97 11.33 -18.63
CA ASP A 67 -9.56 10.11 -19.16
C ASP A 67 -8.52 9.52 -20.09
N VAL A 68 -7.78 8.53 -19.57
CA VAL A 68 -6.76 7.88 -20.39
C VAL A 68 -7.39 6.88 -21.35
N ASN A 69 -8.52 6.27 -20.97
CA ASN A 69 -9.15 5.28 -21.84
C ASN A 69 -9.63 5.91 -23.14
N ASP A 70 -10.24 7.09 -23.09
CA ASP A 70 -10.75 7.76 -24.28
C ASP A 70 -9.93 8.97 -24.70
N GLN A 71 -8.84 9.28 -24.00
CA GLN A 71 -7.95 10.39 -24.36
C GLN A 71 -8.69 11.73 -24.40
N ASP A 72 -9.27 12.10 -23.27
CA ASP A 72 -9.91 13.41 -23.13
C ASP A 72 -9.79 13.82 -21.66
N PRO A 73 -10.15 15.07 -21.33
CA PRO A 73 -9.97 15.52 -19.95
C PRO A 73 -11.04 15.07 -18.98
N ASP A 74 -12.16 14.52 -19.47
CA ASP A 74 -13.35 14.32 -18.66
C ASP A 74 -13.41 12.87 -18.17
N PRO A 75 -13.25 12.62 -16.86
CA PRO A 75 -13.17 11.24 -16.36
C PRO A 75 -14.54 10.64 -16.03
N GLN A 76 -15.62 11.23 -16.53
CA GLN A 76 -16.95 10.75 -16.22
C GLN A 76 -17.04 9.26 -16.50
N PRO A 77 -17.62 8.46 -15.61
CA PRO A 77 -17.73 7.02 -15.86
C PRO A 77 -18.67 6.74 -17.01
N ARG A 78 -18.44 5.59 -17.65
CA ARG A 78 -19.33 5.09 -18.69
C ARG A 78 -20.51 4.37 -18.03
N TYR A 79 -21.72 4.81 -18.31
CA TYR A 79 -22.90 4.26 -17.63
C TYR A 79 -23.40 3.03 -18.35
N THR A 80 -23.65 1.96 -17.59
CA THR A 80 -24.14 0.71 -18.12
C THR A 80 -25.19 0.15 -17.16
N GLN A 81 -26.01 -0.77 -17.67
CA GLN A 81 -27.05 -1.39 -16.85
C GLN A 81 -26.48 -2.10 -15.64
N MET A 82 -25.28 -2.67 -15.76
CA MET A 82 -24.67 -3.38 -14.65
C MET A 82 -23.96 -2.45 -13.67
N ASN A 83 -23.84 -1.16 -13.98
CA ASN A 83 -23.11 -0.21 -13.15
C ASN A 83 -21.67 -0.67 -12.93
N ASP A 84 -21.04 -1.15 -14.01
CA ASP A 84 -19.68 -1.69 -13.94
C ASP A 84 -18.68 -0.65 -13.48
N ASN A 85 -18.88 0.60 -13.87
CA ASN A 85 -17.90 1.66 -13.65
C ASN A 85 -18.23 2.52 -12.44
N ARG A 86 -18.76 1.88 -11.39
CA ARG A 86 -19.06 2.55 -10.12
C ARG A 86 -17.86 2.56 -9.18
N HIS A 87 -16.83 1.81 -9.50
CA HIS A 87 -15.78 1.48 -8.54
C HIS A 87 -14.98 2.73 -8.16
N GLY A 88 -14.62 3.54 -9.14
CA GLY A 88 -13.82 4.73 -8.85
C GLY A 88 -14.58 5.79 -8.08
N THR A 89 -15.88 5.93 -8.36
CA THR A 89 -16.69 6.89 -7.61
C THR A 89 -16.80 6.49 -6.15
N ARG A 90 -16.98 5.20 -5.87
CA ARG A 90 -16.99 4.73 -4.50
C ARG A 90 -15.67 5.04 -3.80
N CYS A 91 -14.54 4.82 -4.48
CA CYS A 91 -13.26 5.12 -3.88
C CYS A 91 -13.11 6.62 -3.61
N ALA A 92 -13.57 7.48 -4.53
CA ALA A 92 -13.38 8.92 -4.36
C ALA A 92 -14.12 9.45 -3.15
N GLY A 93 -15.35 8.99 -2.92
CA GLY A 93 -16.13 9.46 -1.78
C GLY A 93 -15.50 9.10 -0.45
N GLU A 94 -14.75 8.00 -0.39
CA GLU A 94 -14.04 7.67 0.83
C GLU A 94 -13.01 8.72 1.17
N VAL A 95 -12.33 9.25 0.15
CA VAL A 95 -11.28 10.24 0.40
C VAL A 95 -11.90 11.58 0.77
N ALA A 96 -12.87 12.05 -0.04
CA ALA A 96 -13.15 13.48 -0.07
C ALA A 96 -14.63 13.79 -0.31
N ALA A 97 -15.54 12.93 0.13
CA ALA A 97 -16.95 13.31 0.07
C ALA A 97 -17.19 14.56 0.91
N VAL A 98 -18.00 15.47 0.38
CA VAL A 98 -18.23 16.76 1.02
C VAL A 98 -18.93 16.56 2.37
N ALA A 99 -18.56 17.39 3.35
CA ALA A 99 -19.15 17.31 4.68
C ALA A 99 -20.24 18.37 4.87
N ASN A 100 -21.16 18.08 5.79
CA ASN A 100 -22.14 19.06 6.28
C ASN A 100 -23.00 19.62 5.15
N ASN A 101 -23.38 18.75 4.21
CA ASN A 101 -24.20 19.17 3.08
C ASN A 101 -25.46 18.33 2.96
N GLY A 102 -25.84 17.62 4.03
CA GLY A 102 -27.08 16.87 4.02
C GLY A 102 -27.11 15.69 3.08
N VAL A 103 -25.96 15.27 2.56
CA VAL A 103 -25.87 14.20 1.56
C VAL A 103 -24.91 13.12 2.06
N CYS A 104 -25.37 11.87 2.08
CA CYS A 104 -24.56 10.67 2.32
C CYS A 104 -23.70 10.86 3.57
N GLY A 105 -22.41 10.53 3.54
CA GLY A 105 -21.52 10.71 4.69
C GLY A 105 -20.43 11.72 4.38
N VAL A 106 -19.20 11.50 4.88
CA VAL A 106 -18.09 12.42 4.65
C VAL A 106 -16.84 11.65 4.25
N GLY A 107 -15.99 12.29 3.47
CA GLY A 107 -14.66 11.75 3.23
C GLY A 107 -13.77 11.89 4.45
N VAL A 108 -12.68 11.11 4.49
CA VAL A 108 -11.68 11.30 5.53
C VAL A 108 -11.11 12.71 5.45
N ALA A 109 -10.86 13.18 4.24
CA ALA A 109 -10.31 14.49 4.00
C ALA A 109 -11.36 15.32 3.28
N TYR A 110 -12.42 15.67 4.02
CA TYR A 110 -13.63 16.16 3.36
C TYR A 110 -13.50 17.58 2.81
N ASN A 111 -12.35 18.22 2.99
CA ASN A 111 -12.07 19.52 2.39
C ASN A 111 -10.92 19.44 1.38
N ALA A 112 -10.43 18.25 1.09
CA ALA A 112 -9.41 18.09 0.07
C ALA A 112 -10.03 18.21 -1.31
N ARG A 113 -9.18 18.44 -2.31
N ARG A 113 -9.17 18.45 -2.30
CA ARG A 113 -9.61 18.40 -3.70
CA ARG A 113 -9.57 18.40 -3.71
C ARG A 113 -9.43 16.98 -4.22
C ARG A 113 -9.43 16.96 -4.20
N ILE A 114 -10.41 16.52 -5.00
CA ILE A 114 -10.47 15.13 -5.43
C ILE A 114 -10.62 15.07 -6.94
N GLY A 115 -9.81 14.23 -7.59
CA GLY A 115 -9.94 13.98 -9.01
C GLY A 115 -9.97 12.49 -9.30
N GLY A 116 -10.19 12.18 -10.57
CA GLY A 116 -10.10 10.80 -10.97
C GLY A 116 -9.46 10.63 -12.32
N VAL A 117 -8.70 9.55 -12.52
CA VAL A 117 -8.20 9.19 -13.83
C VAL A 117 -9.01 8.00 -14.30
N ARG A 118 -9.71 8.16 -15.42
CA ARG A 118 -10.43 7.07 -16.05
C ARG A 118 -9.44 6.25 -16.84
N MET A 119 -9.01 5.13 -16.28
CA MET A 119 -8.01 4.29 -16.94
C MET A 119 -8.28 2.80 -16.87
N LEU A 120 -9.22 2.31 -16.05
CA LEU A 120 -9.49 0.88 -16.01
C LEU A 120 -10.55 0.43 -17.02
N ASP A 121 -11.29 1.36 -17.62
CA ASP A 121 -12.43 0.99 -18.48
C ASP A 121 -11.91 0.83 -19.92
N GLY A 122 -11.18 -0.26 -20.11
CA GLY A 122 -10.50 -0.53 -21.35
C GLY A 122 -9.32 -1.43 -21.08
N GLU A 123 -8.52 -1.64 -22.11
CA GLU A 123 -7.33 -2.47 -21.97
C GLU A 123 -6.28 -1.68 -21.19
N VAL A 124 -5.85 -2.23 -20.06
CA VAL A 124 -4.94 -1.51 -19.16
C VAL A 124 -3.51 -1.94 -19.54
N THR A 125 -2.91 -1.19 -20.44
CA THR A 125 -1.55 -1.45 -20.89
C THR A 125 -0.56 -0.75 -19.98
N ASP A 126 0.71 -1.08 -20.19
CA ASP A 126 1.80 -0.37 -19.52
C ASP A 126 1.72 1.12 -19.79
N ALA A 127 1.48 1.52 -21.05
CA ALA A 127 1.40 2.95 -21.36
C ALA A 127 0.22 3.61 -20.65
N VAL A 128 -0.91 2.90 -20.53
CA VAL A 128 -2.08 3.47 -19.84
C VAL A 128 -1.74 3.74 -18.38
N GLU A 129 -1.12 2.77 -17.71
CA GLU A 129 -0.72 2.96 -16.33
C GLU A 129 0.22 4.13 -16.18
N ALA A 130 1.22 4.22 -17.07
CA ALA A 130 2.24 5.26 -16.94
C ALA A 130 1.64 6.64 -17.10
N ARG A 131 0.73 6.80 -18.06
CA ARG A 131 0.10 8.10 -18.27
C ARG A 131 -0.77 8.49 -17.09
N SER A 132 -1.28 7.49 -16.35
CA SER A 132 -2.12 7.74 -15.19
C SER A 132 -1.29 8.05 -13.95
N LEU A 133 -0.29 7.21 -13.67
CA LEU A 133 0.63 7.44 -12.56
C LEU A 133 1.40 8.74 -12.71
N GLY A 134 1.69 9.15 -13.94
CA GLY A 134 2.44 10.36 -14.18
C GLY A 134 1.61 11.59 -14.50
N LEU A 135 0.31 11.57 -14.16
CA LEU A 135 -0.56 12.70 -14.46
C LEU A 135 -0.28 13.87 -13.53
N ASN A 136 -0.06 15.04 -14.13
N ASN A 136 -0.08 15.06 -14.11
CA ASN A 136 0.07 16.34 -13.45
CA ASN A 136 0.03 16.33 -13.41
C ASN A 136 0.78 16.21 -12.09
C ASN A 136 0.78 16.20 -12.07
N PRO A 137 2.02 15.71 -12.08
CA PRO A 137 2.66 15.38 -10.80
C PRO A 137 3.10 16.58 -9.99
N ASN A 138 3.03 17.79 -10.53
CA ASN A 138 3.27 18.97 -9.71
C ASN A 138 1.97 19.57 -9.19
N HIS A 139 0.83 18.97 -9.50
CA HIS A 139 -0.45 19.39 -8.94
C HIS A 139 -1.05 18.33 -8.03
N ILE A 140 -1.10 17.08 -8.46
CA ILE A 140 -1.64 15.99 -7.65
C ILE A 140 -0.60 15.64 -6.58
N HIS A 141 -1.04 15.52 -5.33
CA HIS A 141 -0.12 15.15 -4.25
C HIS A 141 -0.12 13.66 -4.00
N ILE A 142 -1.29 13.04 -4.08
CA ILE A 142 -1.51 11.66 -3.65
C ILE A 142 -2.32 10.93 -4.71
N TYR A 143 -1.83 9.76 -5.12
CA TYR A 143 -2.50 8.88 -6.07
C TYR A 143 -2.99 7.64 -5.33
N SER A 144 -4.23 7.25 -5.57
CA SER A 144 -4.82 6.09 -4.91
C SER A 144 -5.20 5.07 -5.97
N ALA A 145 -4.77 3.82 -5.79
CA ALA A 145 -4.97 2.77 -6.79
C ALA A 145 -5.57 1.54 -6.13
N SER A 146 -6.85 1.30 -6.38
CA SER A 146 -7.53 0.10 -5.90
C SER A 146 -7.71 -0.91 -7.04
N TRP A 147 -6.57 -1.30 -7.62
CA TRP A 147 -6.55 -2.21 -8.76
C TRP A 147 -5.15 -2.82 -8.83
N GLY A 148 -5.03 -3.85 -9.65
CA GLY A 148 -3.73 -4.45 -9.87
C GLY A 148 -3.83 -5.73 -10.65
N PRO A 149 -2.72 -6.48 -10.68
CA PRO A 149 -2.72 -7.77 -11.37
C PRO A 149 -3.74 -8.72 -10.77
N GLU A 150 -4.16 -9.67 -11.59
CA GLU A 150 -5.21 -10.60 -11.20
C GLU A 150 -4.86 -11.30 -9.90
N ASP A 151 -5.86 -11.42 -9.02
CA ASP A 151 -5.73 -12.08 -7.73
C ASP A 151 -6.12 -13.55 -7.81
N ASP A 152 -5.65 -14.27 -8.84
CA ASP A 152 -6.01 -15.67 -8.95
C ASP A 152 -5.09 -16.57 -8.16
N GLY A 153 -4.09 -16.01 -7.49
CA GLY A 153 -3.16 -16.81 -6.74
C GLY A 153 -2.16 -17.57 -7.57
N LYS A 154 -2.04 -17.26 -8.87
CA LYS A 154 -1.00 -17.85 -9.68
C LYS A 154 -0.22 -16.84 -10.52
N THR A 155 -0.59 -15.57 -10.47
CA THR A 155 0.08 -14.54 -11.26
C THR A 155 1.27 -13.98 -10.51
N VAL A 156 2.36 -13.72 -11.23
CA VAL A 156 3.46 -12.91 -10.73
C VAL A 156 3.63 -11.78 -11.74
N ASP A 157 3.33 -10.55 -11.33
CA ASP A 157 3.33 -9.48 -12.32
C ASP A 157 3.47 -8.15 -11.59
N GLY A 158 4.07 -7.19 -12.29
CA GLY A 158 4.25 -5.88 -11.72
C GLY A 158 4.35 -4.83 -12.81
N PRO A 159 4.71 -3.62 -12.43
CA PRO A 159 4.83 -2.53 -13.42
C PRO A 159 5.86 -2.89 -14.49
N ALA A 160 5.47 -2.73 -15.75
CA ALA A 160 6.40 -2.84 -16.87
C ALA A 160 7.18 -1.52 -16.98
N ARG A 161 7.94 -1.34 -18.07
CA ARG A 161 8.98 -0.31 -18.06
C ARG A 161 8.40 1.09 -17.88
N LEU A 162 7.35 1.44 -18.65
CA LEU A 162 6.81 2.80 -18.55
C LEU A 162 6.23 3.07 -17.17
N ALA A 163 5.53 2.08 -16.61
CA ALA A 163 4.93 2.29 -15.30
C ALA A 163 5.99 2.41 -14.22
N GLU A 164 7.05 1.62 -14.31
CA GLU A 164 8.13 1.75 -13.33
C GLU A 164 8.84 3.09 -13.49
N GLU A 165 9.03 3.53 -14.73
CA GLU A 165 9.59 4.85 -14.97
C GLU A 165 8.70 5.94 -14.38
N ALA A 166 7.38 5.75 -14.44
CA ALA A 166 6.45 6.71 -13.84
C ALA A 166 6.61 6.75 -12.32
N PHE A 167 6.78 5.58 -11.69
CA PHE A 167 7.04 5.55 -10.25
C PHE A 167 8.32 6.32 -9.91
N PHE A 168 9.42 6.05 -10.63
CA PHE A 168 10.66 6.73 -10.24
C PHE A 168 10.58 8.22 -10.53
N ARG A 169 9.98 8.61 -11.66
CA ARG A 169 9.80 10.04 -11.95
C ARG A 169 8.93 10.70 -10.89
N GLY A 170 7.89 9.99 -10.45
CA GLY A 170 7.00 10.55 -9.45
C GLY A 170 7.68 10.77 -8.11
N VAL A 171 8.39 9.76 -7.61
CA VAL A 171 8.99 9.93 -6.28
C VAL A 171 10.21 10.84 -6.33
N SER A 172 10.84 11.00 -7.50
CA SER A 172 12.06 11.81 -7.60
C SER A 172 11.75 13.28 -7.88
N GLN A 173 10.94 13.54 -8.91
CA GLN A 173 10.66 14.90 -9.32
C GLN A 173 9.24 15.37 -8.98
N GLY A 174 8.31 14.47 -8.66
CA GLY A 174 6.96 14.88 -8.36
C GLY A 174 6.86 15.69 -7.08
N ARG A 175 5.76 16.44 -6.96
CA ARG A 175 5.49 17.27 -5.76
C ARG A 175 6.66 18.19 -5.42
N GLY A 176 7.20 18.84 -6.45
CA GLY A 176 8.32 19.75 -6.23
C GLY A 176 9.58 19.07 -5.77
N GLY A 177 9.80 17.83 -6.19
CA GLY A 177 10.95 17.08 -5.74
C GLY A 177 10.76 16.38 -4.41
N LEU A 178 9.64 16.58 -3.73
CA LEU A 178 9.39 15.83 -2.50
C LEU A 178 8.90 14.41 -2.79
N GLY A 179 8.32 14.17 -3.95
CA GLY A 179 7.92 12.83 -4.36
C GLY A 179 6.43 12.56 -4.27
N SER A 180 5.83 12.14 -5.39
CA SER A 180 4.43 11.71 -5.39
C SER A 180 4.20 10.62 -4.35
N ILE A 181 3.04 10.66 -3.70
CA ILE A 181 2.62 9.62 -2.76
C ILE A 181 1.70 8.66 -3.51
N PHE A 182 2.11 7.39 -3.64
CA PHE A 182 1.32 6.35 -4.28
C PHE A 182 0.77 5.40 -3.23
N VAL A 183 -0.56 5.32 -3.10
CA VAL A 183 -1.23 4.44 -2.14
C VAL A 183 -1.86 3.29 -2.92
N TRP A 184 -1.61 2.06 -2.48
CA TRP A 184 -2.04 0.87 -3.21
C TRP A 184 -2.86 -0.05 -2.31
N ALA A 185 -3.93 -0.63 -2.88
CA ALA A 185 -4.68 -1.67 -2.18
C ALA A 185 -3.92 -2.98 -2.33
N SER A 186 -3.71 -3.69 -1.22
CA SER A 186 -2.78 -4.82 -1.26
C SER A 186 -3.37 -6.04 -1.97
N GLY A 187 -4.68 -6.11 -2.18
CA GLY A 187 -5.19 -7.21 -2.97
C GLY A 187 -6.41 -7.91 -2.41
N ASN A 188 -7.17 -8.57 -3.30
CA ASN A 188 -8.37 -9.30 -2.89
C ASN A 188 -8.23 -10.81 -3.01
N GLY A 189 -6.99 -11.31 -3.06
CA GLY A 189 -6.77 -12.71 -3.40
C GLY A 189 -6.77 -13.69 -2.24
N GLY A 190 -7.34 -13.29 -1.11
CA GLY A 190 -7.30 -14.15 0.08
C GLY A 190 -7.87 -15.54 -0.16
N ARG A 191 -9.02 -15.62 -0.83
CA ARG A 191 -9.65 -16.93 -1.04
C ARG A 191 -8.77 -17.85 -1.90
N GLU A 192 -7.96 -17.27 -2.79
CA GLU A 192 -7.03 -18.03 -3.61
C GLU A 192 -5.68 -18.23 -2.96
N HIS A 193 -5.53 -17.88 -1.68
CA HIS A 193 -4.25 -17.93 -0.98
C HIS A 193 -3.17 -17.19 -1.75
N ASP A 194 -3.54 -16.04 -2.30
CA ASP A 194 -2.59 -15.20 -3.03
C ASP A 194 -1.62 -14.53 -2.05
N SER A 195 -0.43 -14.17 -2.56
CA SER A 195 0.57 -13.43 -1.81
C SER A 195 0.74 -12.06 -2.45
N CYS A 196 0.61 -10.99 -1.66
CA CYS A 196 0.80 -9.67 -2.24
C CYS A 196 2.27 -9.34 -2.53
N ASN A 197 3.22 -10.24 -2.25
CA ASN A 197 4.58 -10.03 -2.74
C ASN A 197 4.74 -10.47 -4.19
N CYS A 198 3.76 -11.19 -4.75
CA CYS A 198 3.77 -11.55 -6.17
C CYS A 198 3.13 -10.49 -7.04
N ASP A 199 2.91 -9.31 -6.49
CA ASP A 199 2.27 -8.18 -7.14
C ASP A 199 3.30 -7.06 -7.06
N GLY A 200 3.85 -6.66 -8.20
CA GLY A 200 4.95 -5.68 -8.16
C GLY A 200 4.51 -4.28 -7.78
N TYR A 201 3.20 -3.99 -7.83
CA TYR A 201 2.71 -2.67 -7.45
C TYR A 201 2.71 -2.52 -5.93
N THR A 202 2.17 -3.52 -5.23
CA THR A 202 2.15 -3.50 -3.78
C THR A 202 3.54 -3.73 -3.21
N ASN A 203 4.31 -4.60 -3.88
CA ASN A 203 5.68 -4.95 -3.51
C ASN A 203 6.67 -3.81 -3.75
N SER A 204 6.29 -2.78 -4.52
CA SER A 204 7.18 -1.66 -4.80
C SER A 204 7.50 -0.89 -3.52
N ILE A 205 8.74 -0.40 -3.41
CA ILE A 205 9.04 0.47 -2.28
C ILE A 205 8.37 1.84 -2.44
N TYR A 206 7.98 2.19 -3.67
CA TYR A 206 7.42 3.52 -3.93
C TYR A 206 5.94 3.61 -3.63
N THR A 207 5.29 2.52 -3.26
CA THR A 207 3.88 2.56 -2.90
C THR A 207 3.72 2.20 -1.44
N LEU A 208 2.71 2.80 -0.80
CA LEU A 208 2.26 2.40 0.53
C LEU A 208 1.16 1.37 0.33
N SER A 209 1.50 0.09 0.51
CA SER A 209 0.53 -0.97 0.30
C SER A 209 -0.29 -1.17 1.58
N ILE A 210 -1.61 -1.11 1.44
CA ILE A 210 -2.54 -1.03 2.57
C ILE A 210 -3.43 -2.27 2.57
N SER A 211 -3.47 -2.98 3.69
CA SER A 211 -4.36 -4.12 3.85
C SER A 211 -5.60 -3.74 4.68
N SER A 212 -6.46 -4.74 4.95
CA SER A 212 -7.78 -4.52 5.52
C SER A 212 -7.96 -5.27 6.83
N ALA A 213 -8.79 -4.71 7.71
CA ALA A 213 -9.28 -5.42 8.89
C ALA A 213 -10.80 -5.29 8.94
N THR A 214 -11.46 -6.36 9.42
CA THR A 214 -12.91 -6.30 9.61
C THR A 214 -13.25 -5.49 10.85
N GLN A 215 -14.53 -5.14 10.98
CA GLN A 215 -14.99 -4.32 12.11
C GLN A 215 -14.61 -4.95 13.45
N PHE A 216 -14.73 -6.27 13.57
CA PHE A 216 -14.38 -6.97 14.80
C PHE A 216 -12.88 -7.23 14.93
N GLY A 217 -12.06 -6.62 14.07
CA GLY A 217 -10.62 -6.74 14.18
C GLY A 217 -10.03 -8.02 13.65
N ASN A 218 -10.63 -8.61 12.63
CA ASN A 218 -10.13 -9.87 12.10
C ASN A 218 -9.59 -9.69 10.67
N VAL A 219 -8.86 -10.70 10.22
CA VAL A 219 -8.31 -10.73 8.86
C VAL A 219 -9.43 -11.12 7.91
N PRO A 220 -9.86 -10.23 7.03
CA PRO A 220 -11.00 -10.53 6.16
C PRO A 220 -10.70 -11.70 5.23
N TRP A 221 -11.78 -12.31 4.73
CA TRP A 221 -11.63 -13.45 3.85
C TRP A 221 -10.79 -13.13 2.62
N TYR A 222 -10.87 -11.89 2.11
CA TYR A 222 -10.18 -11.52 0.86
C TYR A 222 -8.73 -11.11 1.08
N SER A 223 -8.29 -10.98 2.33
CA SER A 223 -6.98 -10.41 2.62
C SER A 223 -5.83 -11.26 2.08
N GLU A 224 -4.81 -10.61 1.54
CA GLU A 224 -3.57 -11.26 1.14
C GLU A 224 -2.49 -10.91 2.15
N ALA A 225 -1.77 -11.93 2.62
CA ALA A 225 -0.65 -11.71 3.53
C ALA A 225 0.65 -11.62 2.75
N CYS A 226 1.53 -10.68 3.14
CA CYS A 226 2.87 -10.61 2.55
C CYS A 226 3.69 -9.60 3.36
N SER A 227 5.01 -9.64 3.15
CA SER A 227 5.92 -8.78 3.90
C SER A 227 5.99 -7.37 3.36
N SER A 228 5.50 -7.10 2.15
CA SER A 228 5.58 -5.74 1.61
C SER A 228 4.49 -4.81 2.13
N THR A 229 3.43 -5.36 2.73
CA THR A 229 2.36 -4.52 3.25
C THR A 229 2.91 -3.62 4.35
N LEU A 230 2.47 -2.37 4.35
CA LEU A 230 2.97 -1.42 5.34
C LEU A 230 1.99 -1.19 6.49
N ALA A 231 0.70 -1.09 6.21
CA ALA A 231 -0.28 -0.79 7.27
C ALA A 231 -1.67 -1.19 6.79
N THR A 232 -2.67 -0.87 7.61
CA THR A 232 -4.03 -1.40 7.49
C THR A 232 -5.05 -0.30 7.72
N THR A 233 -6.18 -0.37 7.01
CA THR A 233 -7.37 0.38 7.40
C THR A 233 -8.55 -0.58 7.43
N TYR A 234 -9.59 -0.19 8.14
CA TYR A 234 -10.80 -1.00 8.18
C TYR A 234 -11.45 -1.11 6.81
N SER A 235 -12.08 -2.25 6.57
CA SER A 235 -12.95 -2.46 5.41
C SER A 235 -14.01 -3.48 5.79
N SER A 236 -14.56 -4.19 4.81
CA SER A 236 -15.66 -5.09 5.07
C SER A 236 -15.17 -6.43 5.61
N GLY A 237 -16.11 -7.23 6.10
CA GLY A 237 -15.87 -8.56 6.65
C GLY A 237 -17.05 -9.47 6.39
N ASN A 238 -17.59 -10.10 7.44
CA ASN A 238 -18.75 -10.96 7.28
C ASN A 238 -20.04 -10.11 7.32
N GLN A 239 -21.18 -10.78 7.23
CA GLN A 239 -22.42 -10.04 7.05
C GLN A 239 -22.99 -9.49 8.35
N ASN A 240 -22.37 -9.81 9.49
CA ASN A 240 -22.70 -9.14 10.74
C ASN A 240 -21.84 -7.91 10.99
N GLU A 241 -20.78 -7.72 10.20
CA GLU A 241 -19.89 -6.59 10.36
C GLU A 241 -20.27 -5.48 9.38
N LYS A 242 -20.14 -4.25 9.82
CA LYS A 242 -20.52 -3.11 8.99
C LYS A 242 -19.51 -2.92 7.87
N GLN A 243 -19.91 -2.12 6.87
CA GLN A 243 -19.09 -1.92 5.70
C GLN A 243 -18.80 -0.43 5.50
N ILE A 244 -18.36 -0.05 4.31
CA ILE A 244 -17.85 1.31 4.09
C ILE A 244 -18.92 2.14 3.40
N VAL A 245 -19.10 3.37 3.88
CA VAL A 245 -20.15 4.28 3.41
C VAL A 245 -19.52 5.28 2.45
N THR A 246 -20.08 5.38 1.24
CA THR A 246 -19.44 6.27 0.28
C THR A 246 -20.43 6.63 -0.84
N THR A 247 -19.95 7.51 -1.72
CA THR A 247 -20.69 7.94 -2.90
C THR A 247 -20.77 6.81 -3.93
N ASP A 248 -21.94 6.64 -4.53
CA ASP A 248 -22.14 5.59 -5.52
C ASP A 248 -22.51 6.21 -6.86
N LEU A 249 -22.38 5.40 -7.90
CA LEU A 249 -22.73 5.84 -9.24
C LEU A 249 -24.21 6.27 -9.28
N ARG A 250 -24.52 7.14 -10.25
CA ARG A 250 -25.87 7.67 -10.44
C ARG A 250 -26.31 8.49 -9.22
N GLN A 251 -25.36 9.20 -8.63
CA GLN A 251 -25.63 10.23 -7.62
C GLN A 251 -26.25 9.62 -6.36
N LYS A 252 -25.93 8.36 -6.09
CA LYS A 252 -26.48 7.64 -4.96
C LYS A 252 -25.46 7.54 -3.83
N CYS A 253 -25.92 6.99 -2.73
CA CYS A 253 -25.12 6.75 -1.54
C CYS A 253 -25.17 5.27 -1.26
N THR A 254 -24.01 4.66 -0.97
CA THR A 254 -23.97 3.25 -0.64
C THR A 254 -23.35 3.06 0.73
N GLU A 255 -23.87 2.06 1.45
CA GLU A 255 -23.29 1.66 2.72
C GLU A 255 -22.63 0.29 2.61
N SER A 256 -22.34 -0.17 1.40
CA SER A 256 -21.86 -1.53 1.19
C SER A 256 -20.65 -1.57 0.26
N HIS A 257 -19.76 -0.59 0.38
CA HIS A 257 -18.47 -0.66 -0.30
C HIS A 257 -17.57 -1.60 0.49
N THR A 258 -16.78 -2.42 -0.21
CA THR A 258 -16.16 -3.59 0.39
C THR A 258 -14.77 -3.84 -0.16
N GLY A 259 -14.04 -4.73 0.53
CA GLY A 259 -12.81 -5.30 0.01
C GLY A 259 -11.59 -4.42 0.19
N THR A 260 -10.49 -4.94 -0.36
CA THR A 260 -9.25 -4.18 -0.41
C THR A 260 -9.45 -2.83 -1.06
N SER A 261 -10.39 -2.73 -2.00
CA SER A 261 -10.63 -1.50 -2.74
C SER A 261 -10.97 -0.34 -1.81
N ALA A 262 -11.63 -0.63 -0.68
CA ALA A 262 -12.02 0.43 0.23
C ALA A 262 -10.89 0.86 1.16
N SER A 263 -9.87 0.03 1.33
CA SER A 263 -8.84 0.35 2.32
C SER A 263 -7.86 1.40 1.82
N ALA A 264 -7.42 1.30 0.57
CA ALA A 264 -6.48 2.29 0.04
C ALA A 264 -7.03 3.70 0.09
N PRO A 265 -8.27 3.98 -0.34
CA PRO A 265 -8.77 5.37 -0.28
C PRO A 265 -8.82 5.94 1.11
N LEU A 266 -9.16 5.12 2.10
CA LEU A 266 -9.16 5.61 3.48
C LEU A 266 -7.75 5.99 3.90
N ALA A 267 -6.76 5.17 3.54
CA ALA A 267 -5.37 5.53 3.79
C ALA A 267 -4.97 6.81 3.04
N ALA A 268 -5.38 6.94 1.78
CA ALA A 268 -5.07 8.15 1.01
C ALA A 268 -5.64 9.38 1.69
N GLY A 269 -6.85 9.29 2.24
CA GLY A 269 -7.42 10.42 2.94
C GLY A 269 -6.66 10.76 4.20
N ILE A 270 -6.25 9.75 4.96
CA ILE A 270 -5.45 10.01 6.16
C ILE A 270 -4.11 10.63 5.80
N ILE A 271 -3.50 10.15 4.71
CA ILE A 271 -2.26 10.74 4.25
C ILE A 271 -2.49 12.20 3.80
N ALA A 272 -3.66 12.49 3.25
CA ALA A 272 -3.99 13.86 2.89
C ALA A 272 -4.03 14.77 4.11
N LEU A 273 -4.69 14.31 5.19
CA LEU A 273 -4.68 15.08 6.44
C LEU A 273 -3.25 15.31 6.93
N THR A 274 -2.42 14.28 6.83
CA THR A 274 -1.03 14.37 7.28
C THR A 274 -0.24 15.39 6.45
N LEU A 275 -0.41 15.35 5.12
CA LEU A 275 0.25 16.33 4.27
C LEU A 275 -0.20 17.75 4.59
N GLU A 276 -1.48 17.94 4.94
CA GLU A 276 -1.91 19.29 5.33
C GLU A 276 -1.17 19.75 6.58
N ALA A 277 -0.88 18.82 7.50
CA ALA A 277 -0.19 19.16 8.73
C ALA A 277 1.29 19.47 8.50
N ASN A 278 1.86 19.02 7.38
CA ASN A 278 3.26 19.35 7.05
C ASN A 278 3.44 19.09 5.55
N LYS A 279 3.30 20.15 4.74
CA LYS A 279 3.40 19.99 3.30
C LYS A 279 4.81 19.67 2.82
N ASN A 280 5.81 19.75 3.71
CA ASN A 280 7.20 19.52 3.33
C ASN A 280 7.61 18.06 3.46
N LEU A 281 6.66 17.17 3.79
CA LEU A 281 6.98 15.76 3.96
C LEU A 281 7.34 15.13 2.63
N THR A 282 8.42 14.34 2.61
CA THR A 282 8.80 13.61 1.42
C THR A 282 8.04 12.28 1.34
N TRP A 283 8.14 11.63 0.18
CA TRP A 283 7.48 10.33 0.02
C TRP A 283 8.01 9.33 1.05
N ARG A 284 9.30 9.40 1.39
CA ARG A 284 9.84 8.51 2.41
C ARG A 284 9.43 8.96 3.82
N ASP A 285 9.42 10.27 4.09
CA ASP A 285 8.88 10.76 5.36
C ASP A 285 7.53 10.13 5.66
N MET A 286 6.66 10.07 4.65
CA MET A 286 5.29 9.60 4.87
C MET A 286 5.28 8.15 5.31
N GLN A 287 6.17 7.33 4.73
CA GLN A 287 6.25 5.93 5.14
C GLN A 287 6.79 5.80 6.55
N HIS A 288 7.79 6.60 6.91
CA HIS A 288 8.26 6.64 8.30
C HIS A 288 7.13 6.97 9.26
N LEU A 289 6.32 7.98 8.94
CA LEU A 289 5.21 8.36 9.80
C LEU A 289 4.24 7.20 9.99
N VAL A 290 3.90 6.51 8.89
CA VAL A 290 3.01 5.36 8.96
C VAL A 290 3.61 4.27 9.86
N VAL A 291 4.90 3.97 9.70
CA VAL A 291 5.53 2.93 10.51
C VAL A 291 5.46 3.30 11.98
N GLN A 292 5.77 4.55 12.32
CA GLN A 292 5.87 4.93 13.73
C GLN A 292 4.52 5.04 14.42
N THR A 293 3.46 5.38 13.69
CA THR A 293 2.19 5.71 14.34
C THR A 293 1.12 4.63 14.24
N SER A 294 1.29 3.62 13.40
CA SER A 294 0.23 2.65 13.21
C SER A 294 0.12 1.74 14.44
N LYS A 295 -1.08 1.21 14.66
CA LYS A 295 -1.45 0.61 15.93
C LYS A 295 -1.85 -0.84 15.74
N PRO A 296 -1.11 -1.78 16.32
CA PRO A 296 -1.52 -3.20 16.23
C PRO A 296 -2.72 -3.54 17.09
N ALA A 297 -2.98 -2.78 18.15
CA ALA A 297 -3.81 -3.24 19.25
C ALA A 297 -5.16 -3.77 18.77
N HIS A 298 -5.51 -4.96 19.23
CA HIS A 298 -6.81 -5.61 19.01
C HIS A 298 -7.04 -6.06 17.57
N LEU A 299 -6.06 -5.91 16.68
CA LEU A 299 -6.13 -6.63 15.41
C LEU A 299 -5.67 -8.06 15.65
N ASN A 300 -6.51 -9.02 15.29
CA ASN A 300 -6.24 -10.43 15.55
C ASN A 300 -5.47 -11.05 14.39
N ALA A 301 -4.33 -11.66 14.69
CA ALA A 301 -3.55 -12.42 13.73
C ALA A 301 -2.69 -13.42 14.50
N ASN A 302 -2.37 -14.55 13.87
CA ASN A 302 -1.54 -15.53 14.56
C ASN A 302 -0.05 -15.34 14.29
N ASP A 303 0.34 -14.30 13.55
CA ASP A 303 1.73 -14.12 13.15
C ASP A 303 2.34 -12.82 13.66
N TRP A 304 1.71 -12.15 14.64
CA TRP A 304 2.32 -10.95 15.20
C TRP A 304 3.71 -11.28 15.75
N ALA A 305 4.68 -10.46 15.38
CA ALA A 305 6.07 -10.64 15.82
C ALA A 305 6.64 -9.27 16.13
N THR A 306 7.54 -9.24 17.10
CA THR A 306 8.23 -8.01 17.47
C THR A 306 9.55 -7.95 16.72
N ASN A 307 9.79 -6.85 16.00
CA ASN A 307 10.99 -6.79 15.18
C ASN A 307 12.18 -6.30 16.01
N GLY A 308 13.29 -5.96 15.34
CA GLY A 308 14.51 -5.64 16.04
C GLY A 308 14.48 -4.33 16.81
N VAL A 309 13.52 -3.46 16.49
CA VAL A 309 13.41 -2.20 17.19
C VAL A 309 12.12 -2.13 18.02
N GLY A 310 11.59 -3.28 18.39
CA GLY A 310 10.49 -3.32 19.33
C GLY A 310 9.11 -3.09 18.75
N ARG A 311 8.97 -3.04 17.43
CA ARG A 311 7.67 -2.78 16.83
C ARG A 311 7.01 -4.10 16.42
N LYS A 312 5.71 -4.20 16.72
CA LYS A 312 4.93 -5.37 16.33
C LYS A 312 4.59 -5.27 14.85
N VAL A 313 4.73 -6.38 14.14
CA VAL A 313 4.49 -6.38 12.71
C VAL A 313 3.85 -7.71 12.33
N SER A 314 2.90 -7.67 11.40
CA SER A 314 2.18 -8.84 10.92
C SER A 314 2.17 -8.83 9.41
N HIS A 315 2.17 -10.02 8.81
CA HIS A 315 2.07 -10.07 7.35
C HIS A 315 0.66 -9.78 6.87
N SER A 316 -0.34 -9.88 7.75
CA SER A 316 -1.70 -9.50 7.39
C SER A 316 -1.93 -8.00 7.49
N TYR A 317 -1.20 -7.31 8.36
CA TYR A 317 -1.52 -5.95 8.71
C TYR A 317 -0.37 -4.96 8.61
N GLY A 318 0.84 -5.41 8.33
CA GLY A 318 1.98 -4.50 8.40
C GLY A 318 2.17 -4.05 9.84
N TYR A 319 2.32 -2.75 10.04
CA TYR A 319 2.48 -2.18 11.37
C TYR A 319 1.15 -1.92 12.08
N GLY A 320 0.02 -2.25 11.47
CA GLY A 320 -1.26 -2.17 12.12
C GLY A 320 -2.17 -1.11 11.51
N LEU A 321 -3.17 -0.71 12.29
CA LEU A 321 -4.16 0.25 11.81
C LEU A 321 -3.59 1.65 11.74
N LEU A 322 -3.90 2.36 10.67
CA LEU A 322 -3.57 3.77 10.62
C LEU A 322 -4.30 4.52 11.74
N ASP A 323 -3.66 5.59 12.21
CA ASP A 323 -4.14 6.41 13.33
C ASP A 323 -3.99 7.86 12.87
N ALA A 324 -5.07 8.45 12.36
CA ALA A 324 -4.99 9.76 11.74
C ALA A 324 -4.54 10.82 12.73
N GLY A 325 -5.07 10.79 13.95
CA GLY A 325 -4.68 11.78 14.94
C GLY A 325 -3.20 11.72 15.26
N ALA A 326 -2.65 10.51 15.40
CA ALA A 326 -1.23 10.36 15.67
C ALA A 326 -0.39 10.79 14.48
N MET A 327 -0.84 10.46 13.26
CA MET A 327 -0.16 10.88 12.04
C MET A 327 -0.02 12.40 11.97
N VAL A 328 -1.14 13.12 12.12
CA VAL A 328 -1.08 14.57 11.95
C VAL A 328 -0.28 15.21 13.08
N ALA A 329 -0.34 14.63 14.28
CA ALA A 329 0.42 15.17 15.40
C ALA A 329 1.91 15.02 15.15
N LEU A 330 2.34 13.81 14.77
CA LEU A 330 3.76 13.55 14.56
C LEU A 330 4.30 14.31 13.35
N ALA A 331 3.43 14.57 12.35
CA ALA A 331 3.87 15.24 11.14
C ALA A 331 4.33 16.67 11.41
N GLN A 332 3.72 17.36 12.37
CA GLN A 332 3.88 18.81 12.44
C GLN A 332 5.32 19.23 12.72
N ASN A 333 6.03 18.50 13.58
CA ASN A 333 7.43 18.85 13.84
C ASN A 333 8.40 17.82 13.28
N TRP A 334 7.98 17.06 12.27
CA TRP A 334 8.82 16.03 11.69
C TRP A 334 10.07 16.63 11.05
N THR A 335 11.23 16.04 11.34
CA THR A 335 12.49 16.40 10.71
C THR A 335 12.69 15.52 9.47
N THR A 336 12.85 16.15 8.30
CA THR A 336 13.02 15.43 7.04
C THR A 336 14.10 14.36 7.17
N VAL A 337 13.82 13.15 6.68
CA VAL A 337 14.84 12.10 6.72
C VAL A 337 15.98 12.42 5.77
N ALA A 338 17.15 11.82 6.06
CA ALA A 338 18.33 11.99 5.22
C ALA A 338 18.08 11.38 3.84
N PRO A 339 18.87 11.76 2.84
CA PRO A 339 18.67 11.19 1.50
C PRO A 339 18.80 9.67 1.54
N GLN A 340 18.08 9.00 0.66
CA GLN A 340 18.04 7.54 0.68
C GLN A 340 19.34 6.96 0.14
N ARG A 341 19.92 6.03 0.88
CA ARG A 341 21.06 5.25 0.43
C ARG A 341 20.60 3.87 -0.03
N LYS A 342 21.41 3.26 -0.89
CA LYS A 342 21.10 1.97 -1.50
C LYS A 342 22.39 1.15 -1.50
N CYS A 343 22.36 0.03 -0.79
CA CYS A 343 23.52 -0.86 -0.68
C CYS A 343 23.17 -2.18 -1.34
N ILE A 344 23.91 -2.53 -2.40
CA ILE A 344 23.64 -3.72 -3.21
C ILE A 344 24.64 -4.80 -2.80
N ILE A 345 24.14 -5.95 -2.39
CA ILE A 345 25.00 -7.06 -1.94
C ILE A 345 24.65 -8.30 -2.77
N ASP A 346 25.54 -8.69 -3.68
CA ASP A 346 25.33 -9.91 -4.44
C ASP A 346 25.78 -11.08 -3.56
N ILE A 347 24.84 -11.97 -3.24
CA ILE A 347 25.07 -12.93 -2.16
C ILE A 347 25.78 -14.20 -2.66
N LEU A 348 25.40 -14.73 -3.82
CA LEU A 348 25.84 -16.07 -4.22
C LEU A 348 27.20 -16.04 -4.90
N THR A 349 27.99 -17.09 -4.64
CA THR A 349 29.21 -17.31 -5.43
C THR A 349 29.06 -18.43 -6.46
N GLU A 350 27.93 -19.13 -6.45
CA GLU A 350 27.65 -20.23 -7.36
C GLU A 350 26.17 -20.58 -7.26
N PRO A 351 25.55 -21.13 -8.30
CA PRO A 351 24.14 -21.53 -8.19
C PRO A 351 23.98 -22.63 -7.15
N LYS A 352 22.77 -22.72 -6.59
CA LYS A 352 22.47 -23.66 -5.51
C LYS A 352 21.21 -24.44 -5.83
N ASP A 353 21.30 -25.76 -5.80
N ASP A 353 21.31 -25.76 -5.76
CA ASP A 353 20.12 -26.59 -5.97
CA ASP A 353 20.16 -26.63 -5.90
C ASP A 353 19.17 -26.39 -4.80
C ASP A 353 19.17 -26.37 -4.76
N ILE A 354 17.89 -26.24 -5.11
CA ILE A 354 16.89 -25.99 -4.07
C ILE A 354 16.51 -27.27 -3.35
N GLY A 355 16.13 -28.31 -4.09
CA GLY A 355 15.77 -29.57 -3.46
C GLY A 355 14.59 -29.39 -2.52
N LYS A 356 14.63 -30.13 -1.41
CA LYS A 356 13.55 -30.03 -0.43
C LYS A 356 13.65 -28.76 0.40
N ARG A 357 14.87 -28.27 0.61
CA ARG A 357 15.11 -27.11 1.45
C ARG A 357 16.48 -26.55 1.12
N LEU A 358 16.57 -25.24 1.04
CA LEU A 358 17.83 -24.55 0.84
C LEU A 358 17.91 -23.39 1.82
N GLU A 359 19.04 -23.27 2.50
CA GLU A 359 19.30 -22.16 3.38
C GLU A 359 20.59 -21.49 2.94
N VAL A 360 20.53 -20.18 2.72
CA VAL A 360 21.69 -19.38 2.31
C VAL A 360 21.94 -18.35 3.40
N ARG A 361 23.12 -18.44 4.03
CA ARG A 361 23.53 -17.52 5.09
C ARG A 361 24.62 -16.61 4.57
N LYS A 362 24.54 -15.33 4.91
CA LYS A 362 25.57 -14.40 4.48
C LYS A 362 25.69 -13.29 5.50
N THR A 363 26.91 -13.00 5.93
CA THR A 363 27.18 -11.88 6.83
C THR A 363 27.60 -10.69 5.99
N VAL A 364 26.91 -9.57 6.17
CA VAL A 364 27.14 -8.39 5.35
C VAL A 364 27.58 -7.22 6.23
N THR A 365 28.30 -6.29 5.62
CA THR A 365 28.69 -5.07 6.32
C THR A 365 27.82 -3.88 5.95
N ALA A 366 26.89 -4.06 5.00
CA ALA A 366 25.95 -3.02 4.58
C ALA A 366 26.69 -1.76 4.15
N CYS A 367 27.70 -1.97 3.29
CA CYS A 367 28.46 -0.90 2.64
C CYS A 367 29.23 -0.05 3.64
N LEU A 368 29.70 -0.69 4.71
CA LEU A 368 30.60 -0.04 5.67
C LEU A 368 31.73 0.69 4.96
N GLY A 369 32.01 1.91 5.42
CA GLY A 369 33.09 2.70 4.90
C GLY A 369 32.78 3.45 3.63
N GLU A 370 31.60 3.28 3.07
CA GLU A 370 31.22 3.87 1.79
C GLU A 370 30.11 4.87 2.00
N PRO A 371 29.87 5.76 1.03
CA PRO A 371 28.81 6.76 1.19
C PRO A 371 27.42 6.16 1.23
N ASN A 372 27.24 4.90 0.80
CA ASN A 372 25.94 4.27 0.88
C ASN A 372 25.83 3.33 2.08
N HIS A 373 26.71 3.50 3.06
CA HIS A 373 26.60 2.77 4.32
C HIS A 373 25.23 2.99 4.96
N ILE A 374 24.58 1.90 5.34
CA ILE A 374 23.24 1.95 5.93
C ILE A 374 23.31 1.33 7.32
N THR A 375 22.99 2.12 8.35
CA THR A 375 22.79 1.57 9.68
C THR A 375 21.33 1.58 10.10
N ARG A 376 20.46 2.20 9.30
CA ARG A 376 19.05 2.39 9.62
C ARG A 376 18.26 1.96 8.38
N LEU A 377 17.76 0.73 8.40
CA LEU A 377 17.08 0.16 7.24
C LEU A 377 15.72 0.82 7.02
N GLU A 378 15.35 0.95 5.74
CA GLU A 378 13.94 1.18 5.41
C GLU A 378 13.41 -0.10 4.79
N HIS A 379 13.25 -0.13 3.47
CA HIS A 379 12.89 -1.36 2.75
C HIS A 379 14.12 -2.23 2.55
N ALA A 380 13.88 -3.55 2.52
CA ALA A 380 14.90 -4.48 2.07
C ALA A 380 14.29 -5.36 0.99
N GLN A 381 15.08 -5.71 -0.02
CA GLN A 381 14.64 -6.58 -1.08
C GLN A 381 15.57 -7.78 -1.16
N ALA A 382 15.00 -8.95 -1.40
CA ALA A 382 15.76 -10.11 -1.82
C ALA A 382 15.38 -10.33 -3.28
N ARG A 383 16.26 -9.94 -4.19
CA ARG A 383 15.99 -10.08 -5.62
C ARG A 383 16.48 -11.45 -6.04
N LEU A 384 15.54 -12.34 -6.37
CA LEU A 384 15.84 -13.75 -6.54
C LEU A 384 15.62 -14.17 -8.00
N THR A 385 16.57 -14.92 -8.54
CA THR A 385 16.40 -15.59 -9.82
C THR A 385 16.51 -17.09 -9.57
N LEU A 386 15.46 -17.83 -9.91
CA LEU A 386 15.47 -19.27 -9.65
C LEU A 386 14.57 -19.98 -10.63
N SER A 387 14.90 -21.23 -10.91
CA SER A 387 14.03 -22.14 -11.62
C SER A 387 13.38 -23.09 -10.63
N TYR A 388 12.17 -23.53 -10.95
CA TYR A 388 11.48 -24.53 -10.14
C TYR A 388 10.37 -25.13 -10.99
N ASN A 389 10.04 -26.39 -10.72
CA ASN A 389 9.04 -27.05 -11.54
C ASN A 389 7.61 -26.69 -11.15
N ARG A 390 7.31 -26.41 -9.87
CA ARG A 390 5.96 -25.96 -9.49
C ARG A 390 6.10 -24.81 -8.50
N ARG A 391 5.94 -23.59 -8.99
CA ARG A 391 6.31 -22.39 -8.23
C ARG A 391 5.56 -22.30 -6.92
N GLY A 392 4.26 -22.61 -6.93
CA GLY A 392 3.43 -22.40 -5.76
C GLY A 392 3.71 -23.33 -4.60
N ASP A 393 4.54 -24.36 -4.80
CA ASP A 393 4.97 -25.19 -3.69
C ASP A 393 6.09 -24.55 -2.88
N LEU A 394 6.67 -23.46 -3.36
CA LEU A 394 7.76 -22.79 -2.66
C LEU A 394 7.26 -21.92 -1.52
N ALA A 395 7.96 -21.97 -0.39
CA ALA A 395 7.87 -20.95 0.64
C ALA A 395 9.24 -20.34 0.84
N ILE A 396 9.30 -19.01 0.93
CA ILE A 396 10.57 -18.31 1.01
C ILE A 396 10.54 -17.37 2.21
N HIS A 397 11.56 -17.47 3.06
CA HIS A 397 11.68 -16.60 4.24
C HIS A 397 13.05 -15.93 4.23
N LEU A 398 13.11 -14.76 4.85
CA LEU A 398 14.32 -13.97 4.97
C LEU A 398 14.45 -13.48 6.41
N VAL A 399 15.56 -13.80 7.07
CA VAL A 399 15.76 -13.42 8.45
C VAL A 399 16.81 -12.33 8.53
N SER A 400 16.49 -11.24 9.23
CA SER A 400 17.40 -10.13 9.34
C SER A 400 18.40 -10.38 10.46
N PRO A 401 19.52 -9.64 10.50
CA PRO A 401 20.48 -9.83 11.59
C PRO A 401 19.87 -9.61 12.97
N MET A 402 18.82 -8.80 13.07
N MET A 402 18.83 -8.80 13.08
CA MET A 402 18.16 -8.58 14.34
CA MET A 402 18.18 -8.60 14.36
C MET A 402 17.15 -9.67 14.66
C MET A 402 17.10 -9.65 14.63
N GLY A 403 17.07 -10.72 13.84
CA GLY A 403 16.22 -11.85 14.12
C GLY A 403 14.81 -11.78 13.57
N THR A 404 14.50 -10.82 12.71
CA THR A 404 13.12 -10.65 12.23
C THR A 404 12.92 -11.52 10.99
N ARG A 405 11.98 -12.46 11.09
CA ARG A 405 11.72 -13.42 10.02
C ARG A 405 10.60 -12.87 9.13
N SER A 406 10.94 -12.51 7.90
CA SER A 406 9.96 -12.05 6.93
C SER A 406 9.59 -13.19 6.01
N THR A 407 8.29 -13.43 5.85
CA THR A 407 7.84 -14.36 4.81
C THR A 407 7.83 -13.62 3.49
N LEU A 408 8.80 -13.93 2.63
CA LEU A 408 8.81 -13.33 1.30
C LEU A 408 7.76 -13.98 0.40
N LEU A 409 7.48 -15.26 0.60
CA LEU A 409 6.55 -15.99 -0.25
C LEU A 409 6.00 -17.15 0.57
N ALA A 410 4.68 -17.23 0.68
CA ALA A 410 4.03 -18.40 1.25
C ALA A 410 3.53 -19.29 0.11
N ALA A 411 3.24 -20.55 0.45
CA ALA A 411 2.73 -21.47 -0.56
C ALA A 411 1.50 -20.90 -1.26
N ARG A 412 1.44 -21.08 -2.57
CA ARG A 412 0.28 -20.67 -3.37
C ARG A 412 -0.26 -21.90 -4.08
N PRO A 413 -1.29 -22.55 -3.55
CA PRO A 413 -1.73 -23.85 -4.10
C PRO A 413 -2.06 -23.81 -5.58
N HIS A 414 -2.57 -22.69 -6.09
CA HIS A 414 -2.99 -22.58 -7.48
C HIS A 414 -1.87 -22.23 -8.44
N ASP A 415 -0.67 -21.91 -7.93
CA ASP A 415 0.42 -21.47 -8.81
C ASP A 415 1.19 -22.70 -9.28
N TYR A 416 0.78 -23.23 -10.43
CA TYR A 416 1.43 -24.40 -11.03
C TYR A 416 2.60 -24.04 -11.93
N SER A 417 2.92 -22.75 -12.08
CA SER A 417 3.88 -22.31 -13.09
C SER A 417 5.24 -22.99 -12.96
N ALA A 418 5.82 -23.33 -14.11
CA ALA A 418 7.19 -23.80 -14.17
C ALA A 418 8.17 -22.69 -14.54
N ASP A 419 7.72 -21.43 -14.52
CA ASP A 419 8.54 -20.32 -14.97
C ASP A 419 9.41 -19.69 -13.89
N GLY A 420 9.28 -20.12 -12.64
CA GLY A 420 10.17 -19.65 -11.57
C GLY A 420 10.08 -18.14 -11.37
N PHE A 421 11.17 -17.56 -10.87
CA PHE A 421 11.25 -16.12 -10.62
C PHE A 421 12.45 -15.55 -11.35
N ASN A 422 12.24 -14.47 -12.09
CA ASN A 422 13.29 -13.86 -12.90
C ASN A 422 13.66 -12.52 -12.30
N ASP A 423 14.65 -12.53 -11.41
CA ASP A 423 15.09 -11.34 -10.66
C ASP A 423 13.89 -10.64 -10.01
N TRP A 424 13.07 -11.41 -9.30
CA TRP A 424 11.89 -10.84 -8.67
C TRP A 424 12.26 -10.23 -7.32
N ALA A 425 11.91 -8.97 -7.11
CA ALA A 425 12.42 -8.22 -5.96
C ALA A 425 11.46 -8.32 -4.77
N PHE A 426 11.43 -9.51 -4.13
CA PHE A 426 10.62 -9.68 -2.92
C PHE A 426 10.99 -8.62 -1.88
N MET A 427 10.00 -7.91 -1.35
CA MET A 427 10.28 -6.78 -0.47
C MET A 427 9.69 -7.01 0.91
N THR A 428 10.43 -6.58 1.94
CA THR A 428 9.88 -6.60 3.29
C THR A 428 10.01 -5.24 3.94
N THR A 429 8.94 -4.84 4.63
CA THR A 429 8.90 -3.66 5.48
C THR A 429 9.18 -3.98 6.93
N HIS A 430 9.30 -5.27 7.28
CA HIS A 430 9.28 -5.68 8.67
C HIS A 430 10.57 -5.38 9.44
N SER A 431 11.64 -5.00 8.75
CA SER A 431 12.90 -4.70 9.42
C SER A 431 13.22 -3.21 9.39
N TRP A 432 12.22 -2.38 9.07
CA TRP A 432 12.32 -0.93 9.10
C TRP A 432 12.97 -0.47 10.40
N ASP A 433 13.97 0.39 10.28
CA ASP A 433 14.76 1.01 11.36
C ASP A 433 15.76 0.06 12.01
N GLU A 434 15.84 -1.21 11.60
CA GLU A 434 16.86 -2.10 12.11
C GLU A 434 18.22 -1.76 11.50
N ASP A 435 19.28 -2.13 12.22
CA ASP A 435 20.63 -2.11 11.67
C ASP A 435 20.80 -3.36 10.80
N PRO A 436 21.06 -3.22 9.50
CA PRO A 436 21.16 -4.41 8.63
C PRO A 436 22.53 -5.06 8.57
N SER A 437 23.52 -4.55 9.30
CA SER A 437 24.82 -5.21 9.37
C SER A 437 24.68 -6.56 10.04
N GLY A 438 25.37 -7.57 9.52
CA GLY A 438 25.33 -8.85 10.19
C GLY A 438 24.81 -9.99 9.33
N GLU A 439 24.37 -11.08 9.96
CA GLU A 439 23.99 -12.28 9.23
C GLU A 439 22.54 -12.20 8.75
N TRP A 440 22.36 -12.30 7.43
CA TRP A 440 21.07 -12.50 6.80
C TRP A 440 20.92 -13.97 6.42
N VAL A 441 19.71 -14.50 6.53
CA VAL A 441 19.43 -15.89 6.19
C VAL A 441 18.25 -15.96 5.23
N LEU A 442 18.45 -16.59 4.08
CA LEU A 442 17.39 -16.88 3.13
C LEU A 442 17.06 -18.36 3.21
N GLU A 443 15.77 -18.68 3.35
CA GLU A 443 15.29 -20.05 3.39
C GLU A 443 14.32 -20.22 2.23
N ILE A 444 14.55 -21.26 1.43
CA ILE A 444 13.65 -21.67 0.35
C ILE A 444 13.28 -23.12 0.60
N GLU A 445 11.98 -23.42 0.68
CA GLU A 445 11.62 -24.80 0.95
C GLU A 445 10.43 -25.24 0.11
N ASN A 446 10.45 -26.54 -0.17
CA ASN A 446 9.33 -27.21 -0.82
C ASN A 446 8.32 -27.58 0.26
N THR A 447 7.14 -26.96 0.20
CA THR A 447 6.09 -27.21 1.18
C THR A 447 5.23 -28.42 0.85
N SER A 448 5.51 -29.10 -0.25
CA SER A 448 4.73 -30.26 -0.67
C SER A 448 5.55 -31.52 -0.54
N GLU A 449 4.86 -32.66 -0.61
CA GLU A 449 5.52 -33.95 -0.61
C GLU A 449 6.08 -34.33 -1.97
N ALA A 450 5.78 -33.56 -3.01
CA ALA A 450 6.23 -33.91 -4.35
C ALA A 450 7.74 -33.76 -4.48
N ASN A 451 8.31 -34.51 -5.41
CA ASN A 451 9.75 -34.47 -5.66
C ASN A 451 10.03 -33.35 -6.65
N ASN A 452 9.98 -32.12 -6.13
CA ASN A 452 10.21 -30.95 -6.95
C ASN A 452 11.70 -30.68 -7.11
N TYR A 453 12.04 -29.80 -8.04
CA TYR A 453 13.44 -29.58 -8.36
C TYR A 453 13.63 -28.20 -8.95
N GLY A 454 14.78 -27.61 -8.67
CA GLY A 454 15.11 -26.33 -9.26
C GLY A 454 16.41 -25.82 -8.69
N THR A 455 16.77 -24.62 -9.13
CA THR A 455 18.07 -24.03 -8.81
C THR A 455 17.92 -22.54 -8.56
N LEU A 456 18.57 -22.06 -7.50
CA LEU A 456 18.68 -20.63 -7.23
C LEU A 456 19.97 -20.12 -7.87
N THR A 457 19.85 -19.24 -8.86
CA THR A 457 21.04 -18.77 -9.58
C THR A 457 21.46 -17.36 -9.20
N LYS A 458 20.58 -16.55 -8.60
CA LYS A 458 21.00 -15.23 -8.17
C LYS A 458 20.21 -14.81 -6.94
N PHE A 459 20.92 -14.22 -5.97
CA PHE A 459 20.28 -13.64 -4.78
C PHE A 459 21.02 -12.33 -4.52
N THR A 460 20.38 -11.21 -4.87
CA THR A 460 20.87 -9.88 -4.55
C THR A 460 20.09 -9.35 -3.36
N LEU A 461 20.79 -9.04 -2.28
CA LEU A 461 20.18 -8.35 -1.16
C LEU A 461 20.33 -6.85 -1.39
N VAL A 462 19.20 -6.14 -1.52
CA VAL A 462 19.21 -4.70 -1.75
C VAL A 462 18.66 -4.03 -0.50
N LEU A 463 19.50 -3.24 0.14
CA LEU A 463 19.13 -2.50 1.34
C LEU A 463 18.96 -1.03 1.00
N TYR A 464 17.88 -0.43 1.52
CA TYR A 464 17.63 1.00 1.42
C TYR A 464 17.60 1.59 2.82
N GLY A 465 18.07 2.82 2.97
CA GLY A 465 17.93 3.48 4.25
C GLY A 465 18.96 4.58 4.42
N THR A 466 19.29 4.86 5.69
CA THR A 466 20.14 5.98 6.03
C THR A 466 21.15 5.54 7.07
N ALA A 467 21.94 6.49 7.56
CA ALA A 467 22.91 6.22 8.62
C ALA A 467 22.76 7.21 9.76
N SER A 468 21.55 7.69 10.01
CA SER A 468 21.37 8.71 11.04
C SER A 468 19.91 8.77 11.47
N GLY A 469 19.69 9.30 12.67
CA GLY A 469 18.36 9.75 13.07
C GLY A 469 17.50 8.74 13.81
N SER A 470 18.09 7.68 14.36
CA SER A 470 17.28 6.62 14.95
C SER A 470 16.61 7.06 16.25
N LEU A 471 15.51 6.39 16.56
CA LEU A 471 14.78 6.53 17.82
C LEU A 471 15.19 5.40 18.76
N VAL A 472 15.08 5.67 20.06
CA VAL A 472 15.20 4.57 21.02
C VAL A 472 14.14 3.52 20.71
N PRO A 473 14.50 2.23 20.61
CA PRO A 473 13.52 1.22 20.22
C PRO A 473 12.32 1.17 21.15
N ARG A 474 11.16 0.86 20.55
CA ARG A 474 9.87 0.80 21.24
C ARG A 474 9.87 -0.14 22.45
N ARG B 1 -5.46 -7.86 -18.11
CA ARG B 1 -4.19 -7.51 -17.46
C ARG B 1 -4.33 -6.95 -16.18
N ARG B 2 -5.30 -5.95 -15.93
CA ARG B 2 -5.46 -5.34 -14.57
C ARG B 2 -6.82 -5.39 -14.21
N LYS B 3 -7.16 -5.56 -12.86
CA LYS B 3 -8.55 -5.70 -12.36
C LYS B 3 -8.84 -4.81 -11.33
N ARG B 4 -10.12 -4.41 -11.24
CA ARG B 4 -10.62 -3.58 -10.12
C ARG B 4 -10.43 -4.41 -8.84
#